data_2JQU
#
_entry.id   2JQU
#
_cell.length_a   1.000
_cell.length_b   1.000
_cell.length_c   1.000
_cell.angle_alpha   90.00
_cell.angle_beta   90.00
_cell.angle_gamma   90.00
#
_symmetry.space_group_name_H-M   'P 1'
#
_entity_poly.entity_id   1
_entity_poly.type   'polypeptide(L)'
_entity_poly.pdbx_seq_one_letter_code
;GGSLYSFGL(NH2)
;
_entity_poly.pdbx_strand_id   A
#
# COMPACT_ATOMS: atom_id res chain seq x y z
N GLY A 1 -5.87 -0.64 -0.24
CA GLY A 1 -5.13 -0.82 0.99
C GLY A 1 -4.00 0.21 1.12
N GLY A 2 -2.88 -0.12 0.49
CA GLY A 2 -1.73 0.75 0.53
C GLY A 2 -1.01 0.67 1.88
N SER A 3 -0.64 -0.55 2.24
CA SER A 3 0.05 -0.78 3.50
C SER A 3 1.41 -0.09 3.47
N LEU A 4 2.13 -0.30 2.38
CA LEU A 4 3.44 0.29 2.22
C LEU A 4 3.30 1.81 2.04
N TYR A 5 2.52 2.18 1.04
CA TYR A 5 2.28 3.59 0.75
C TYR A 5 0.87 3.81 0.20
N SER A 6 0.64 3.25 -0.98
CA SER A 6 -0.66 3.38 -1.62
C SER A 6 -1.04 2.07 -2.30
N PHE A 7 -0.04 1.43 -2.87
CA PHE A 7 -0.25 0.16 -3.56
C PHE A 7 -0.58 -0.96 -2.56
N GLY A 8 0.21 -1.00 -1.50
CA GLY A 8 0.03 -2.01 -0.48
C GLY A 8 0.46 -3.39 -0.97
N LEU A 9 1.73 -3.47 -1.36
CA LEU A 9 2.27 -4.73 -1.85
C LEU A 9 2.35 -5.73 -0.71
N GLY A 1 -6.02 -0.30 -0.08
CA GLY A 1 -5.58 0.67 0.92
C GLY A 1 -4.14 1.11 0.66
N GLY A 2 -3.22 0.19 0.87
CA GLY A 2 -1.81 0.48 0.67
C GLY A 2 -1.03 0.37 1.98
N SER A 3 -0.61 -0.84 2.28
CA SER A 3 0.15 -1.08 3.51
C SER A 3 1.49 -0.33 3.46
N LEU A 4 2.17 -0.47 2.32
CA LEU A 4 3.44 0.18 2.14
C LEU A 4 3.23 1.69 2.00
N TYR A 5 2.40 2.06 1.03
CA TYR A 5 2.10 3.45 0.78
C TYR A 5 0.69 3.63 0.25
N SER A 6 0.47 3.10 -0.95
CA SER A 6 -0.84 3.18 -1.57
C SER A 6 -1.17 1.87 -2.27
N PHE A 7 -0.15 1.28 -2.87
CA PHE A 7 -0.31 0.02 -3.58
C PHE A 7 -0.58 -1.12 -2.60
N GLY A 8 0.22 -1.16 -1.55
CA GLY A 8 0.09 -2.20 -0.53
C GLY A 8 0.66 -3.53 -1.03
N LEU A 9 1.90 -3.45 -1.50
CA LEU A 9 2.59 -4.63 -2.01
C LEU A 9 3.00 -5.53 -0.83
N GLY A 1 -5.72 -1.91 0.98
CA GLY A 1 -5.25 -0.54 0.88
C GLY A 1 -3.72 -0.48 0.77
N GLY A 2 -3.22 0.72 0.59
CA GLY A 2 -1.78 0.93 0.47
C GLY A 2 -1.09 0.77 1.83
N SER A 3 -0.81 -0.48 2.17
CA SER A 3 -0.17 -0.79 3.43
C SER A 3 1.24 -0.19 3.45
N LEU A 4 1.96 -0.42 2.36
CA LEU A 4 3.32 0.09 2.24
C LEU A 4 3.28 1.62 2.09
N TYR A 5 2.55 2.05 1.07
CA TYR A 5 2.42 3.47 0.79
C TYR A 5 1.06 3.79 0.18
N SER A 6 0.85 3.26 -1.02
CA SER A 6 -0.40 3.49 -1.73
C SER A 6 -0.83 2.21 -2.44
N PHE A 7 0.16 1.50 -2.97
CA PHE A 7 -0.10 0.25 -3.67
C PHE A 7 -0.55 -0.85 -2.70
N GLY A 8 0.18 -0.96 -1.60
CA GLY A 8 -0.12 -1.96 -0.59
C GLY A 8 0.35 -3.34 -1.04
N LEU A 9 1.61 -3.40 -1.46
CA LEU A 9 2.19 -4.66 -1.91
C LEU A 9 2.44 -5.56 -0.70
N GLY A 1 -5.51 -1.20 1.25
CA GLY A 1 -5.02 -0.94 -0.08
C GLY A 1 -3.98 0.19 -0.08
N GLY A 2 -2.87 -0.09 0.59
CA GLY A 2 -1.79 0.88 0.69
C GLY A 2 -1.02 0.72 2.01
N SER A 3 -0.71 -0.52 2.32
CA SER A 3 0.02 -0.82 3.54
C SER A 3 1.42 -0.21 3.49
N LEU A 4 2.08 -0.41 2.35
CA LEU A 4 3.41 0.11 2.16
C LEU A 4 3.34 1.64 2.02
N TYR A 5 2.56 2.07 1.04
CA TYR A 5 2.39 3.49 0.79
C TYR A 5 0.99 3.79 0.24
N SER A 6 0.72 3.26 -0.94
CA SER A 6 -0.57 3.46 -1.58
C SER A 6 -1.02 2.18 -2.27
N PHE A 7 -0.05 1.49 -2.85
CA PHE A 7 -0.33 0.24 -3.56
C PHE A 7 -0.70 -0.87 -2.57
N GLY A 8 0.09 -0.96 -1.51
CA GLY A 8 -0.15 -1.97 -0.49
C GLY A 8 0.32 -3.35 -0.97
N LEU A 9 1.56 -3.39 -1.45
CA LEU A 9 2.13 -4.63 -1.94
C LEU A 9 2.45 -5.54 -0.76
N GLY A 1 -6.33 -0.45 -0.43
CA GLY A 1 -5.46 -0.08 0.67
C GLY A 1 -3.99 -0.09 0.25
N GLY A 2 -3.17 0.58 1.05
CA GLY A 2 -1.75 0.65 0.77
C GLY A 2 -0.93 0.54 2.07
N SER A 3 -0.55 -0.69 2.37
CA SER A 3 0.23 -0.95 3.57
C SER A 3 1.59 -0.26 3.47
N LEU A 4 2.23 -0.44 2.31
CA LEU A 4 3.53 0.17 2.09
C LEU A 4 3.37 1.68 1.94
N TYR A 5 2.54 2.08 0.99
CA TYR A 5 2.29 3.48 0.74
C TYR A 5 0.85 3.71 0.25
N SER A 6 0.58 3.18 -0.93
CA SER A 6 -0.74 3.31 -1.51
C SER A 6 -1.14 2.01 -2.21
N PHE A 7 -0.15 1.36 -2.80
CA PHE A 7 -0.39 0.11 -3.50
C PHE A 7 -0.67 -1.02 -2.52
N GLY A 8 0.15 -1.08 -1.48
CA GLY A 8 0.00 -2.11 -0.46
C GLY A 8 0.52 -3.45 -0.96
N LEU A 9 1.74 -3.43 -1.50
CA LEU A 9 2.35 -4.64 -2.00
C LEU A 9 2.75 -5.54 -0.84
N GLY A 1 -5.99 -1.46 0.78
CA GLY A 1 -5.40 -0.14 0.56
C GLY A 1 -3.89 -0.26 0.31
N GLY A 2 -3.18 0.79 0.71
CA GLY A 2 -1.73 0.81 0.54
C GLY A 2 -1.02 0.71 1.89
N SER A 3 -0.69 -0.52 2.26
CA SER A 3 -0.01 -0.77 3.52
C SER A 3 1.37 -0.10 3.50
N LEU A 4 2.09 -0.33 2.41
CA LEU A 4 3.41 0.23 2.26
C LEU A 4 3.31 1.75 2.08
N TYR A 5 2.54 2.14 1.07
CA TYR A 5 2.34 3.55 0.78
C TYR A 5 0.95 3.81 0.22
N SER A 6 0.71 3.26 -0.96
CA SER A 6 -0.57 3.42 -1.62
C SER A 6 -0.98 2.11 -2.31
N PHE A 7 0.02 1.44 -2.87
CA PHE A 7 -0.22 0.18 -3.56
C PHE A 7 -0.58 -0.92 -2.56
N GLY A 8 0.19 -0.99 -1.49
CA GLY A 8 -0.03 -1.98 -0.46
C GLY A 8 0.39 -3.37 -0.94
N LEU A 9 1.64 -3.48 -1.35
CA LEU A 9 2.18 -4.73 -1.84
C LEU A 9 2.24 -5.74 -0.69
N GLY A 1 -6.15 -0.59 1.57
CA GLY A 1 -5.25 -0.69 0.44
C GLY A 1 -4.12 0.34 0.54
N GLY A 2 -2.91 -0.15 0.36
CA GLY A 2 -1.74 0.72 0.43
C GLY A 2 -1.06 0.63 1.80
N SER A 3 -0.71 -0.60 2.17
CA SER A 3 -0.06 -0.84 3.44
C SER A 3 1.31 -0.15 3.48
N LEU A 4 2.05 -0.33 2.40
CA LEU A 4 3.37 0.27 2.28
C LEU A 4 3.24 1.78 2.12
N TYR A 5 2.48 2.16 1.10
CA TYR A 5 2.25 3.56 0.81
C TYR A 5 0.87 3.79 0.21
N SER A 6 0.68 3.25 -0.98
CA SER A 6 -0.59 3.37 -1.67
C SER A 6 -0.94 2.06 -2.38
N PHE A 7 0.09 1.43 -2.92
CA PHE A 7 -0.09 0.17 -3.62
C PHE A 7 -0.45 -0.96 -2.65
N GLY A 8 0.29 -1.01 -1.56
CA GLY A 8 0.07 -2.02 -0.54
C GLY A 8 0.54 -3.40 -1.03
N LEU A 9 1.80 -3.45 -1.40
CA LEU A 9 2.38 -4.70 -1.88
C LEU A 9 2.44 -5.71 -0.74
N GLY A 1 -6.24 0.08 -0.53
CA GLY A 1 -5.33 -0.42 0.49
C GLY A 1 -3.88 -0.20 0.08
N GLY A 2 -3.11 0.35 1.01
CA GLY A 2 -1.70 0.61 0.76
C GLY A 2 -0.89 0.55 2.06
N SER A 3 -0.47 -0.67 2.39
CA SER A 3 0.31 -0.89 3.59
C SER A 3 1.65 -0.15 3.49
N LEU A 4 2.30 -0.32 2.35
CA LEU A 4 3.58 0.31 2.11
C LEU A 4 3.37 1.82 1.96
N TYR A 5 2.52 2.18 1.01
CA TYR A 5 2.22 3.58 0.75
C TYR A 5 0.77 3.76 0.29
N SER A 6 0.49 3.20 -0.88
CA SER A 6 -0.84 3.28 -1.45
C SER A 6 -1.22 1.96 -2.12
N PHE A 7 -0.23 1.36 -2.76
CA PHE A 7 -0.44 0.09 -3.44
C PHE A 7 -0.67 -1.04 -2.44
N GLY A 8 0.18 -1.07 -1.41
CA GLY A 8 0.08 -2.08 -0.39
C GLY A 8 0.54 -3.44 -0.91
N LEU A 9 1.77 -3.46 -1.41
CA LEU A 9 2.34 -4.69 -1.94
C LEU A 9 2.54 -5.70 -0.80
N GLY A 1 -6.49 0.21 1.00
CA GLY A 1 -5.28 -0.61 1.07
C GLY A 1 -4.03 0.26 1.23
N GLY A 2 -3.06 0.01 0.38
CA GLY A 2 -1.82 0.76 0.41
C GLY A 2 -1.16 0.67 1.78
N SER A 3 -0.83 -0.57 2.16
CA SER A 3 -0.20 -0.80 3.44
C SER A 3 1.18 -0.14 3.48
N LEU A 4 1.94 -0.36 2.42
CA LEU A 4 3.27 0.21 2.31
C LEU A 4 3.16 1.72 2.12
N TYR A 5 2.44 2.10 1.07
CA TYR A 5 2.25 3.51 0.78
C TYR A 5 0.88 3.75 0.13
N SER A 6 0.72 3.19 -1.06
CA SER A 6 -0.52 3.34 -1.80
C SER A 6 -0.89 2.03 -2.49
N PHE A 7 0.15 1.36 -2.98
CA PHE A 7 -0.04 0.09 -3.67
C PHE A 7 -0.45 -1.01 -2.69
N GLY A 8 0.26 -1.06 -1.57
CA GLY A 8 -0.03 -2.05 -0.55
C GLY A 8 0.47 -3.43 -0.98
N LEU A 9 1.72 -3.47 -1.39
CA LEU A 9 2.33 -4.72 -1.83
C LEU A 9 2.47 -5.66 -0.63
N GLY A 1 -6.57 0.09 0.63
CA GLY A 1 -5.29 -0.62 0.66
C GLY A 1 -4.13 0.37 0.67
N GLY A 2 -2.94 -0.18 0.54
CA GLY A 2 -1.73 0.64 0.53
C GLY A 2 -1.00 0.56 1.88
N SER A 3 -0.62 -0.66 2.23
CA SER A 3 0.08 -0.89 3.49
C SER A 3 1.43 -0.16 3.47
N LEU A 4 2.15 -0.33 2.38
CA LEU A 4 3.45 0.30 2.23
C LEU A 4 3.26 1.81 2.06
N TYR A 5 2.48 2.17 1.06
CA TYR A 5 2.21 3.58 0.78
C TYR A 5 0.80 3.75 0.22
N SER A 6 0.60 3.20 -0.97
CA SER A 6 -0.70 3.31 -1.62
C SER A 6 -1.04 1.98 -2.32
N PHE A 7 -0.01 1.37 -2.89
CA PHE A 7 -0.18 0.10 -3.58
C PHE A 7 -0.48 -1.03 -2.60
N GLY A 8 0.29 -1.06 -1.52
CA GLY A 8 0.12 -2.07 -0.51
C GLY A 8 0.60 -3.44 -1.00
N LEU A 9 1.86 -3.47 -1.41
CA LEU A 9 2.46 -4.69 -1.91
C LEU A 9 2.57 -5.70 -0.76
N GLY A 1 -5.80 -0.11 1.80
CA GLY A 1 -5.59 0.52 0.52
C GLY A 1 -4.15 1.05 0.39
N GLY A 2 -3.21 0.14 0.53
CA GLY A 2 -1.80 0.49 0.44
C GLY A 2 -1.13 0.42 1.81
N SER A 3 -0.70 -0.78 2.16
CA SER A 3 -0.04 -1.00 3.44
C SER A 3 1.27 -0.24 3.48
N LEU A 4 2.04 -0.37 2.41
CA LEU A 4 3.32 0.30 2.30
C LEU A 4 3.09 1.80 2.14
N TYR A 5 2.33 2.14 1.11
CA TYR A 5 2.03 3.54 0.84
C TYR A 5 0.63 3.69 0.22
N SER A 6 0.49 3.13 -0.97
CA SER A 6 -0.79 3.19 -1.67
C SER A 6 -1.06 1.87 -2.38
N PHE A 7 0.00 1.30 -2.92
CA PHE A 7 -0.10 0.03 -3.63
C PHE A 7 -0.40 -1.12 -2.66
N GLY A 8 0.34 -1.13 -1.56
CA GLY A 8 0.16 -2.16 -0.55
C GLY A 8 0.70 -3.50 -1.04
N LEU A 9 1.98 -3.49 -1.41
CA LEU A 9 2.63 -4.70 -1.89
C LEU A 9 2.73 -5.71 -0.75
N GLY A 1 -6.16 2.05 1.71
CA GLY A 1 -5.59 1.09 0.79
C GLY A 1 -4.10 1.29 0.63
N GLY A 2 -3.38 0.19 0.59
CA GLY A 2 -1.93 0.23 0.44
C GLY A 2 -1.23 0.14 1.80
N SER A 3 -0.79 -1.06 2.13
CA SER A 3 -0.11 -1.28 3.40
C SER A 3 1.19 -0.49 3.45
N LEU A 4 1.95 -0.59 2.36
CA LEU A 4 3.22 0.11 2.27
C LEU A 4 2.95 1.61 2.12
N TYR A 5 2.19 1.95 1.10
CA TYR A 5 1.86 3.35 0.84
C TYR A 5 0.47 3.48 0.22
N SER A 6 0.35 2.95 -0.98
CA SER A 6 -0.92 2.99 -1.70
C SER A 6 -1.15 1.67 -2.44
N PHE A 7 -0.07 1.12 -2.96
CA PHE A 7 -0.14 -0.13 -3.69
C PHE A 7 -0.44 -1.30 -2.74
N GLY A 8 0.29 -1.32 -1.63
CA GLY A 8 0.11 -2.36 -0.64
C GLY A 8 0.75 -3.68 -1.11
N LEU A 9 1.99 -3.57 -1.55
CA LEU A 9 2.71 -4.74 -2.04
C LEU A 9 2.98 -5.69 -0.86
N GLY A 1 -6.33 -0.76 1.48
CA GLY A 1 -5.19 -1.00 0.62
C GLY A 1 -4.11 0.07 0.83
N GLY A 2 -2.96 -0.17 0.21
CA GLY A 2 -1.85 0.77 0.33
C GLY A 2 -1.24 0.71 1.73
N SER A 3 -0.81 -0.48 2.12
CA SER A 3 -0.20 -0.68 3.42
C SER A 3 1.21 -0.08 3.44
N LEU A 4 1.96 -0.41 2.41
CA LEU A 4 3.32 0.09 2.30
C LEU A 4 3.29 1.61 2.12
N TYR A 5 2.59 2.05 1.10
CA TYR A 5 2.47 3.47 0.81
C TYR A 5 1.10 3.79 0.21
N SER A 6 0.87 3.27 -0.99
CA SER A 6 -0.38 3.50 -1.68
C SER A 6 -0.82 2.23 -2.39
N PHE A 7 0.15 1.51 -2.93
CA PHE A 7 -0.12 0.28 -3.65
C PHE A 7 -0.52 -0.84 -2.68
N GLY A 8 0.24 -0.95 -1.60
CA GLY A 8 -0.04 -1.96 -0.59
C GLY A 8 0.27 -3.36 -1.13
N LEU A 9 1.54 -3.56 -1.44
CA LEU A 9 1.99 -4.84 -1.97
C LEU A 9 1.86 -5.90 -0.87
N GLY A 1 -6.30 0.62 -0.33
CA GLY A 1 -5.49 -0.31 0.44
C GLY A 1 -4.02 -0.20 0.07
N GLY A 2 -3.25 0.39 0.98
CA GLY A 2 -1.82 0.57 0.76
C GLY A 2 -1.05 0.49 2.08
N SER A 3 -0.53 -0.69 2.35
CA SER A 3 0.23 -0.91 3.57
C SER A 3 1.60 -0.21 3.47
N LEU A 4 2.25 -0.42 2.34
CA LEU A 4 3.55 0.18 2.11
C LEU A 4 3.39 1.69 1.95
N TYR A 5 2.54 2.07 1.01
CA TYR A 5 2.30 3.48 0.75
C TYR A 5 0.85 3.71 0.29
N SER A 6 0.55 3.17 -0.88
CA SER A 6 -0.79 3.31 -1.44
C SER A 6 -1.20 2.00 -2.12
N PHE A 7 -0.24 1.37 -2.77
CA PHE A 7 -0.48 0.12 -3.46
C PHE A 7 -0.72 -1.02 -2.47
N GLY A 8 0.15 -1.07 -1.47
CA GLY A 8 0.04 -2.11 -0.45
C GLY A 8 0.40 -3.48 -1.02
N LEU A 9 1.65 -3.60 -1.45
CA LEU A 9 2.13 -4.85 -2.02
C LEU A 9 2.16 -5.92 -0.93
N GLY A 1 -6.25 0.56 -0.38
CA GLY A 1 -5.41 -0.24 0.48
C GLY A 1 -3.94 -0.13 0.08
N GLY A 2 -3.15 0.43 0.99
CA GLY A 2 -1.73 0.61 0.74
C GLY A 2 -0.94 0.55 2.04
N SER A 3 -0.51 -0.66 2.38
CA SER A 3 0.26 -0.87 3.60
C SER A 3 1.60 -0.14 3.50
N LEU A 4 2.25 -0.32 2.37
CA LEU A 4 3.54 0.31 2.14
C LEU A 4 3.34 1.83 1.97
N TYR A 5 2.49 2.17 1.01
CA TYR A 5 2.19 3.56 0.74
C TYR A 5 0.75 3.75 0.26
N SER A 6 0.47 3.18 -0.90
CA SER A 6 -0.86 3.27 -1.47
C SER A 6 -1.25 1.94 -2.12
N PHE A 7 -0.25 1.33 -2.75
CA PHE A 7 -0.47 0.05 -3.42
C PHE A 7 -0.69 -1.07 -2.41
N GLY A 8 0.15 -1.09 -1.40
CA GLY A 8 0.04 -2.11 -0.36
C GLY A 8 0.50 -3.47 -0.88
N LEU A 9 1.74 -3.51 -1.34
CA LEU A 9 2.29 -4.74 -1.87
C LEU A 9 2.46 -5.75 -0.73
N GLY A 1 -5.85 -1.69 0.92
CA GLY A 1 -5.31 -0.37 0.62
C GLY A 1 -3.78 -0.43 0.44
N GLY A 2 -3.15 0.73 0.61
CA GLY A 2 -1.71 0.81 0.47
C GLY A 2 -1.02 0.71 1.83
N SER A 3 -0.69 -0.53 2.20
CA SER A 3 -0.03 -0.78 3.47
C SER A 3 1.35 -0.11 3.48
N LEU A 4 2.08 -0.32 2.39
CA LEU A 4 3.41 0.25 2.27
C LEU A 4 3.30 1.77 2.09
N TYR A 5 2.54 2.16 1.08
CA TYR A 5 2.34 3.57 0.80
C TYR A 5 0.95 3.82 0.22
N SER A 6 0.72 3.28 -0.97
CA SER A 6 -0.56 3.44 -1.63
C SER A 6 -0.94 2.13 -2.33
N PHE A 7 0.06 1.47 -2.89
CA PHE A 7 -0.16 0.23 -3.59
C PHE A 7 -0.53 -0.89 -2.60
N GLY A 8 0.24 -0.97 -1.52
CA GLY A 8 0.01 -1.98 -0.50
C GLY A 8 0.43 -3.36 -1.00
N LEU A 9 1.69 -3.47 -1.37
CA LEU A 9 2.24 -4.72 -1.86
C LEU A 9 2.27 -5.74 -0.73
N GLY A 1 -4.57 -2.27 1.06
CA GLY A 1 -5.01 -0.89 0.87
C GLY A 1 -3.87 0.09 1.14
N GLY A 2 -2.91 0.10 0.23
CA GLY A 2 -1.77 0.99 0.35
C GLY A 2 -1.13 0.87 1.73
N SER A 3 -0.87 -0.36 2.13
CA SER A 3 -0.26 -0.63 3.42
C SER A 3 1.14 -0.02 3.48
N LEU A 4 1.90 -0.28 2.42
CA LEU A 4 3.26 0.24 2.34
C LEU A 4 3.21 1.76 2.14
N TYR A 5 2.51 2.17 1.10
CA TYR A 5 2.38 3.59 0.79
C TYR A 5 1.02 3.88 0.16
N SER A 6 0.82 3.33 -1.03
CA SER A 6 -0.43 3.54 -1.75
C SER A 6 -0.85 2.24 -2.45
N PHE A 7 0.15 1.53 -2.95
CA PHE A 7 -0.11 0.27 -3.64
C PHE A 7 -0.55 -0.81 -2.66
N GLY A 8 0.18 -0.90 -1.56
CA GLY A 8 -0.13 -1.88 -0.53
C GLY A 8 0.24 -3.29 -1.00
N LEU A 9 1.52 -3.45 -1.32
CA LEU A 9 2.02 -4.74 -1.78
C LEU A 9 1.97 -5.74 -0.62
N GLY A 1 -5.58 -1.39 1.87
CA GLY A 1 -5.14 -0.78 0.62
C GLY A 1 -4.02 0.24 0.87
N GLY A 2 -2.91 0.04 0.17
CA GLY A 2 -1.77 0.93 0.31
C GLY A 2 -1.15 0.81 1.71
N SER A 3 -0.88 -0.42 2.09
CA SER A 3 -0.29 -0.68 3.40
C SER A 3 1.10 -0.07 3.48
N LEU A 4 1.88 -0.32 2.43
CA LEU A 4 3.23 0.21 2.36
C LEU A 4 3.18 1.73 2.17
N TYR A 5 2.49 2.14 1.12
CA TYR A 5 2.36 3.55 0.81
C TYR A 5 1.01 3.84 0.17
N SER A 6 0.82 3.29 -1.02
CA SER A 6 -0.42 3.49 -1.76
C SER A 6 -0.81 2.19 -2.46
N PHE A 7 0.19 1.49 -2.96
CA PHE A 7 -0.04 0.24 -3.66
C PHE A 7 -0.49 -0.86 -2.69
N GLY A 8 0.21 -0.94 -1.57
CA GLY A 8 -0.11 -1.93 -0.56
C GLY A 8 0.29 -3.33 -1.02
N LEU A 9 1.57 -3.48 -1.32
CA LEU A 9 2.10 -4.76 -1.78
C LEU A 9 2.03 -5.77 -0.62
N GLY A 1 -6.33 -0.43 1.27
CA GLY A 1 -5.06 -0.98 0.82
C GLY A 1 -3.93 0.03 1.05
N GLY A 2 -2.88 -0.12 0.25
CA GLY A 2 -1.73 0.76 0.34
C GLY A 2 -1.09 0.67 1.73
N SER A 3 -0.76 -0.56 2.10
CA SER A 3 -0.14 -0.79 3.40
C SER A 3 1.23 -0.11 3.46
N LEU A 4 2.01 -0.31 2.40
CA LEU A 4 3.33 0.28 2.33
C LEU A 4 3.20 1.79 2.14
N TYR A 5 2.47 2.17 1.10
CA TYR A 5 2.26 3.58 0.81
C TYR A 5 0.89 3.81 0.18
N SER A 6 0.71 3.26 -1.02
CA SER A 6 -0.55 3.40 -1.73
C SER A 6 -0.89 2.08 -2.44
N PHE A 7 0.15 1.44 -2.95
CA PHE A 7 -0.04 0.18 -3.65
C PHE A 7 -0.42 -0.93 -2.68
N GLY A 8 0.32 -0.99 -1.58
CA GLY A 8 0.06 -2.01 -0.56
C GLY A 8 0.52 -3.38 -1.05
N LEU A 9 1.80 -3.47 -1.37
CA LEU A 9 2.37 -4.72 -1.84
C LEU A 9 2.38 -5.73 -0.70
N GLY A 1 -5.27 -1.67 1.76
CA GLY A 1 -5.15 -0.74 0.64
C GLY A 1 -4.02 0.26 0.89
N GLY A 2 -2.92 0.05 0.18
CA GLY A 2 -1.76 0.93 0.32
C GLY A 2 -1.14 0.81 1.71
N SER A 3 -0.87 -0.42 2.10
CA SER A 3 -0.28 -0.68 3.41
C SER A 3 1.12 -0.05 3.48
N LEU A 4 1.89 -0.30 2.43
CA LEU A 4 3.25 0.23 2.36
C LEU A 4 3.19 1.75 2.17
N TYR A 5 2.49 2.15 1.12
CA TYR A 5 2.34 3.56 0.81
C TYR A 5 0.99 3.86 0.17
N SER A 6 0.81 3.31 -1.02
CA SER A 6 -0.43 3.50 -1.75
C SER A 6 -0.83 2.19 -2.46
N PHE A 7 0.18 1.49 -2.96
CA PHE A 7 -0.04 0.25 -3.65
C PHE A 7 -0.49 -0.85 -2.68
N GLY A 8 0.22 -0.93 -1.57
CA GLY A 8 -0.09 -1.92 -0.55
C GLY A 8 0.31 -3.33 -1.01
N LEU A 9 1.58 -3.47 -1.31
CA LEU A 9 2.11 -4.75 -1.77
C LEU A 9 2.05 -5.76 -0.62
N GLY A 1 -6.41 -0.17 -0.22
CA GLY A 1 -5.16 -0.74 0.27
C GLY A 1 -4.02 0.29 0.19
N GLY A 2 -2.88 -0.09 0.73
CA GLY A 2 -1.72 0.78 0.72
C GLY A 2 -0.93 0.65 2.02
N SER A 3 -0.59 -0.58 2.35
CA SER A 3 0.17 -0.86 3.57
C SER A 3 1.55 -0.21 3.47
N LEU A 4 2.19 -0.43 2.34
CA LEU A 4 3.52 0.13 2.11
C LEU A 4 3.42 1.64 1.95
N TYR A 5 2.59 2.05 1.01
CA TYR A 5 2.39 3.46 0.74
C TYR A 5 0.96 3.75 0.29
N SER A 6 0.64 3.21 -0.89
CA SER A 6 -0.68 3.40 -1.46
C SER A 6 -1.15 2.10 -2.13
N PHE A 7 -0.20 1.43 -2.76
CA PHE A 7 -0.50 0.18 -3.45
C PHE A 7 -0.81 -0.93 -2.45
N GLY A 8 0.04 -1.01 -1.43
CA GLY A 8 -0.13 -2.03 -0.40
C GLY A 8 0.23 -3.42 -0.94
N LEU A 9 1.46 -3.54 -1.40
CA LEU A 9 1.94 -4.81 -1.95
C LEU A 9 2.04 -5.83 -0.81
N GLY A 1 -5.93 0.47 1.97
CA GLY A 1 -5.57 0.80 0.60
C GLY A 1 -4.10 1.19 0.50
N GLY A 2 -3.25 0.17 0.46
CA GLY A 2 -1.82 0.39 0.38
C GLY A 2 -1.16 0.34 1.76
N SER A 3 -0.72 -0.86 2.13
CA SER A 3 -0.08 -1.05 3.41
C SER A 3 1.22 -0.26 3.47
N LEU A 4 2.01 -0.38 2.41
CA LEU A 4 3.28 0.31 2.33
C LEU A 4 3.02 1.81 2.16
N TYR A 5 2.26 2.14 1.13
CA TYR A 5 1.94 3.52 0.85
C TYR A 5 0.54 3.64 0.22
N SER A 6 0.41 3.10 -0.98
CA SER A 6 -0.85 3.13 -1.68
C SER A 6 -1.10 1.80 -2.40
N PHE A 7 -0.01 1.25 -2.93
CA PHE A 7 -0.09 -0.01 -3.64
C PHE A 7 -0.37 -1.17 -2.68
N GLY A 8 0.36 -1.18 -1.57
CA GLY A 8 0.20 -2.21 -0.57
C GLY A 8 0.76 -3.54 -1.05
N LEU A 9 2.05 -3.52 -1.39
CA LEU A 9 2.72 -4.72 -1.87
C LEU A 9 2.82 -5.74 -0.73
N GLY A 1 -6.11 0.58 -0.14
CA GLY A 1 -5.35 -0.47 0.51
C GLY A 1 -3.86 -0.40 0.15
N GLY A 2 -3.14 0.41 0.92
CA GLY A 2 -1.72 0.58 0.68
C GLY A 2 -0.94 0.52 1.99
N SER A 3 -0.51 -0.69 2.34
CA SER A 3 0.25 -0.90 3.56
C SER A 3 1.57 -0.15 3.48
N LEU A 4 2.26 -0.31 2.36
CA LEU A 4 3.53 0.34 2.15
C LEU A 4 3.31 1.85 1.99
N TYR A 5 2.47 2.19 1.03
CA TYR A 5 2.17 3.59 0.76
C TYR A 5 0.73 3.75 0.27
N SER A 6 0.47 3.20 -0.90
CA SER A 6 -0.87 3.28 -1.48
C SER A 6 -1.21 1.94 -2.16
N PHE A 7 -0.21 1.35 -2.79
CA PHE A 7 -0.40 0.08 -3.46
C PHE A 7 -0.63 -1.05 -2.47
N GLY A 8 0.20 -1.08 -1.44
CA GLY A 8 0.10 -2.10 -0.41
C GLY A 8 0.57 -3.45 -0.94
N LEU A 9 1.83 -3.48 -1.38
CA LEU A 9 2.40 -4.70 -1.91
C LEU A 9 2.57 -5.72 -0.78
N GLY A 1 -5.79 -1.43 0.55
CA GLY A 1 -5.39 -0.06 0.27
C GLY A 1 -3.91 0.03 -0.09
N GLY A 2 -3.13 0.56 0.85
CA GLY A 2 -1.70 0.70 0.63
C GLY A 2 -0.95 0.61 1.97
N SER A 3 -0.56 -0.62 2.30
CA SER A 3 0.16 -0.85 3.54
C SER A 3 1.53 -0.15 3.49
N LEU A 4 2.21 -0.33 2.38
CA LEU A 4 3.52 0.27 2.18
C LEU A 4 3.35 1.79 2.03
N TYR A 5 2.53 2.17 1.06
CA TYR A 5 2.29 3.57 0.79
C TYR A 5 0.86 3.79 0.29
N SER A 6 0.60 3.25 -0.89
CA SER A 6 -0.72 3.37 -1.50
C SER A 6 -1.11 2.06 -2.18
N PHE A 7 -0.12 1.43 -2.80
CA PHE A 7 -0.34 0.18 -3.49
C PHE A 7 -0.62 -0.95 -2.50
N GLY A 8 0.19 -1.01 -1.46
CA GLY A 8 0.04 -2.04 -0.44
C GLY A 8 0.47 -3.40 -0.96
N LEU A 9 1.72 -3.47 -1.39
CA LEU A 9 2.27 -4.71 -1.92
C LEU A 9 2.38 -5.74 -0.79
N GLY A 1 -5.80 -0.01 1.85
CA GLY A 1 -5.55 0.76 0.65
C GLY A 1 -4.08 1.16 0.55
N GLY A 2 -3.23 0.16 0.46
CA GLY A 2 -1.79 0.39 0.37
C GLY A 2 -1.13 0.33 1.74
N SER A 3 -0.69 -0.87 2.11
CA SER A 3 -0.04 -1.07 3.39
C SER A 3 1.26 -0.28 3.45
N LEU A 4 2.04 -0.40 2.39
CA LEU A 4 3.30 0.31 2.31
C LEU A 4 3.04 1.81 2.16
N TYR A 5 2.28 2.15 1.13
CA TYR A 5 1.95 3.53 0.86
C TYR A 5 0.55 3.65 0.24
N SER A 6 0.42 3.10 -0.96
CA SER A 6 -0.84 3.15 -1.66
C SER A 6 -1.09 1.82 -2.39
N PHE A 7 0.00 1.28 -2.93
CA PHE A 7 -0.08 0.01 -3.65
C PHE A 7 -0.36 -1.15 -2.70
N GLY A 8 0.38 -1.16 -1.59
CA GLY A 8 0.23 -2.20 -0.60
C GLY A 8 0.80 -3.53 -1.10
N LEU A 9 2.09 -3.49 -1.43
CA LEU A 9 2.76 -4.68 -1.92
C LEU A 9 2.86 -5.72 -0.79
N GLY A 1 -6.05 -0.64 1.62
CA GLY A 1 -5.27 -0.60 0.40
C GLY A 1 -4.14 0.43 0.51
N GLY A 2 -2.92 -0.06 0.35
CA GLY A 2 -1.76 0.80 0.42
C GLY A 2 -1.09 0.71 1.80
N SER A 3 -0.77 -0.53 2.17
CA SER A 3 -0.12 -0.77 3.46
C SER A 3 1.25 -0.11 3.49
N LEU A 4 2.00 -0.32 2.43
CA LEU A 4 3.33 0.24 2.32
C LEU A 4 3.23 1.75 2.13
N TYR A 5 2.49 2.14 1.10
CA TYR A 5 2.30 3.55 0.81
C TYR A 5 0.91 3.81 0.20
N SER A 6 0.72 3.25 -0.99
CA SER A 6 -0.56 3.41 -1.68
C SER A 6 -0.94 2.11 -2.37
N PHE A 7 0.07 1.44 -2.91
CA PHE A 7 -0.14 0.18 -3.60
C PHE A 7 -0.52 -0.93 -2.62
N GLY A 8 0.23 -0.99 -1.53
CA GLY A 8 -0.03 -1.99 -0.51
C GLY A 8 0.39 -3.39 -0.98
N LEU A 9 1.67 -3.50 -1.33
CA LEU A 9 2.21 -4.76 -1.81
C LEU A 9 2.22 -5.77 -0.66
N GLY A 1 -5.78 -1.47 0.72
CA GLY A 1 -5.37 -0.14 0.30
C GLY A 1 -3.88 -0.11 -0.03
N GLY A 2 -3.14 0.61 0.79
CA GLY A 2 -1.70 0.73 0.60
C GLY A 2 -0.97 0.63 1.94
N SER A 3 -0.59 -0.58 2.28
CA SER A 3 0.12 -0.84 3.52
C SER A 3 1.48 -0.14 3.49
N LEU A 4 2.18 -0.33 2.37
CA LEU A 4 3.49 0.27 2.21
C LEU A 4 3.34 1.78 2.04
N TYR A 5 2.53 2.16 1.06
CA TYR A 5 2.30 3.57 0.79
C TYR A 5 0.88 3.80 0.27
N SER A 6 0.62 3.25 -0.91
CA SER A 6 -0.68 3.39 -1.53
C SER A 6 -1.07 2.08 -2.22
N PHE A 7 -0.07 1.45 -2.81
CA PHE A 7 -0.30 0.19 -3.51
C PHE A 7 -0.60 -0.94 -2.52
N GLY A 8 0.21 -1.00 -1.47
CA GLY A 8 0.03 -2.02 -0.45
C GLY A 8 0.46 -3.39 -0.97
N LEU A 9 1.71 -3.47 -1.38
CA LEU A 9 2.26 -4.72 -1.90
C LEU A 9 2.35 -5.73 -0.77
N GLY A 1 -6.22 -0.29 1.18
CA GLY A 1 -5.25 -0.60 0.14
C GLY A 1 -4.11 0.42 0.14
N GLY A 2 -2.93 -0.08 0.50
CA GLY A 2 -1.75 0.77 0.55
C GLY A 2 -1.03 0.63 1.89
N SER A 3 -0.71 -0.61 2.23
CA SER A 3 -0.02 -0.88 3.48
C SER A 3 1.36 -0.24 3.46
N LEU A 4 2.07 -0.45 2.36
CA LEU A 4 3.41 0.10 2.21
C LEU A 4 3.31 1.62 2.06
N TYR A 5 2.54 2.03 1.06
CA TYR A 5 2.36 3.46 0.80
C TYR A 5 0.96 3.73 0.27
N SER A 6 0.70 3.22 -0.92
CA SER A 6 -0.60 3.40 -1.56
C SER A 6 -1.03 2.11 -2.26
N PHE A 7 -0.05 1.44 -2.84
CA PHE A 7 -0.31 0.20 -3.55
C PHE A 7 -0.68 -0.92 -2.57
N GLY A 8 0.12 -1.02 -1.51
CA GLY A 8 -0.10 -2.04 -0.51
C GLY A 8 0.27 -3.43 -1.03
N LEU A 9 1.53 -3.54 -1.43
CA LEU A 9 2.03 -4.81 -1.95
C LEU A 9 2.08 -5.83 -0.82
N GLY A 1 -5.59 -1.23 1.77
CA GLY A 1 -5.24 -0.65 0.48
C GLY A 1 -4.11 0.37 0.63
N GLY A 2 -2.91 -0.07 0.28
CA GLY A 2 -1.74 0.80 0.37
C GLY A 2 -1.10 0.69 1.75
N SER A 3 -0.77 -0.53 2.13
CA SER A 3 -0.14 -0.78 3.42
C SER A 3 1.23 -0.10 3.47
N LEU A 4 1.99 -0.32 2.41
CA LEU A 4 3.32 0.26 2.33
C LEU A 4 3.21 1.78 2.15
N TYR A 5 2.48 2.16 1.11
CA TYR A 5 2.28 3.57 0.82
C TYR A 5 0.90 3.82 0.20
N SER A 6 0.73 3.27 -0.99
CA SER A 6 -0.53 3.42 -1.70
C SER A 6 -0.90 2.11 -2.41
N PHE A 7 0.13 1.47 -2.93
CA PHE A 7 -0.07 0.20 -3.63
C PHE A 7 -0.46 -0.91 -2.66
N GLY A 8 0.28 -0.98 -1.56
CA GLY A 8 0.02 -1.98 -0.55
C GLY A 8 0.46 -3.37 -1.03
N LEU A 9 1.74 -3.46 -1.36
CA LEU A 9 2.29 -4.72 -1.84
C LEU A 9 2.30 -5.74 -0.69
N GLY A 1 -5.78 -1.09 1.22
CA GLY A 1 -5.42 -0.08 0.24
C GLY A 1 -3.92 -0.10 -0.05
N GLY A 2 -3.19 0.69 0.72
CA GLY A 2 -1.75 0.76 0.55
C GLY A 2 -1.03 0.66 1.90
N SER A 3 -0.68 -0.56 2.26
CA SER A 3 0.01 -0.80 3.52
C SER A 3 1.38 -0.12 3.50
N LEU A 4 2.10 -0.34 2.41
CA LEU A 4 3.42 0.25 2.25
C LEU A 4 3.29 1.76 2.08
N TYR A 5 2.51 2.14 1.09
CA TYR A 5 2.29 3.56 0.80
C TYR A 5 0.89 3.80 0.25
N SER A 6 0.65 3.25 -0.94
CA SER A 6 -0.65 3.39 -1.59
C SER A 6 -1.04 2.08 -2.27
N PHE A 7 -0.04 1.43 -2.84
CA PHE A 7 -0.27 0.17 -3.53
C PHE A 7 -0.60 -0.95 -2.54
N GLY A 8 0.19 -1.00 -1.48
CA GLY A 8 -0.02 -2.02 -0.46
C GLY A 8 0.40 -3.40 -0.96
N LEU A 9 1.66 -3.49 -1.34
CA LEU A 9 2.20 -4.75 -1.85
C LEU A 9 2.26 -5.77 -0.70
#